data_1OD3
#
_entry.id   1OD3
#
_cell.length_a   36.183
_cell.length_b   52.154
_cell.length_c   64.755
_cell.angle_alpha   90.00
_cell.angle_beta   90.00
_cell.angle_gamma   90.00
#
_symmetry.space_group_name_H-M   'P 21 21 21'
#
loop_
_entity.id
_entity.type
_entity.pdbx_description
1 polymer 'PUTATIVE XYLANASE'
2 branched beta-D-glucopyranose-(1-3)-beta-D-glucopyranose
3 non-polymer 'ACETIC ACID'
4 non-polymer 'CALCIUM ION'
5 water water
#
_entity_poly.entity_id   1
_entity_poly.type   'polypeptide(L)'
_entity_poly.pdbx_seq_one_letter_code
;MGSSHHHHHHSSGLVPRGSHMASTPANVNSGPTSPVGGTRSAFSNIQAEDYDSSYGPNLQIFSLPGGGSAIGYIENGYST
TYKNIDFGDGATSVTARVATQNATTIQVRLGSPSGTLLGTIYVGSTGSFDTYRDVSATISNTAGVKDIVLVFSGPVNVDW
FVFSKSGT
;
_entity_poly.pdbx_strand_id   A
#
loop_
_chem_comp.id
_chem_comp.type
_chem_comp.name
_chem_comp.formula
ACY non-polymer 'ACETIC ACID' 'C2 H4 O2'
BGC D-saccharide, beta linking beta-D-glucopyranose 'C6 H12 O6'
CA non-polymer 'CALCIUM ION' 'Ca 2'
#
# COMPACT_ATOMS: atom_id res chain seq x y z
N VAL A 36 5.94 -0.63 -23.01
CA VAL A 36 5.94 0.31 -21.83
C VAL A 36 4.54 0.47 -21.23
N GLY A 37 4.49 0.39 -19.90
CA GLY A 37 3.28 0.58 -19.15
C GLY A 37 2.33 -0.57 -19.33
N GLY A 38 2.88 -1.77 -19.45
CA GLY A 38 2.09 -2.95 -19.42
C GLY A 38 1.50 -3.19 -18.02
N THR A 39 0.63 -4.16 -17.91
CA THR A 39 0.03 -4.57 -16.62
C THR A 39 1.07 -4.86 -15.49
N ARG A 40 0.96 -4.26 -14.33
CA ARG A 40 1.92 -4.42 -13.27
C ARG A 40 1.69 -5.73 -12.53
N SER A 41 2.76 -6.47 -12.22
CA SER A 41 2.67 -7.69 -11.46
C SER A 41 2.44 -7.38 -9.98
N ALA A 42 1.59 -8.20 -9.34
CA ALA A 42 1.41 -8.14 -7.88
C ALA A 42 2.66 -8.60 -7.13
N PHE A 43 3.53 -9.36 -7.80
CA PHE A 43 4.62 -10.07 -7.16
C PHE A 43 5.96 -9.35 -7.20
N SER A 44 6.00 -8.19 -7.86
CA SER A 44 7.13 -7.29 -7.86
C SER A 44 6.71 -5.99 -7.17
N ASN A 45 7.65 -5.27 -6.57
CA ASN A 45 7.27 -4.10 -5.80
C ASN A 45 6.42 -3.14 -6.64
N ILE A 46 5.36 -2.65 -5.98
CA ILE A 46 4.47 -1.61 -6.51
C ILE A 46 4.81 -0.36 -5.75
N GLN A 47 5.32 0.66 -6.43
CA GLN A 47 5.67 1.89 -5.74
C GLN A 47 4.41 2.60 -5.28
N ALA A 48 4.38 3.02 -4.02
CA ALA A 48 3.17 3.59 -3.43
C ALA A 48 2.82 4.90 -4.12
N GLU A 49 3.79 5.63 -4.63
CA GLU A 49 3.56 6.88 -5.34
C GLU A 49 2.98 6.67 -6.75
N ASP A 50 2.95 5.44 -7.24
CA ASP A 50 2.46 5.12 -8.59
C ASP A 50 0.98 4.78 -8.57
N TYR A 51 0.19 5.54 -7.82
CA TYR A 51 -1.25 5.34 -7.77
C TYR A 51 -1.92 5.99 -8.99
N ASP A 52 -3.10 5.47 -9.31
CA ASP A 52 -3.90 5.95 -10.42
C ASP A 52 -4.95 6.95 -10.00
N SER A 53 -5.44 6.85 -8.78
CA SER A 53 -6.42 7.79 -8.22
C SER A 53 -6.22 7.76 -6.71
N SER A 54 -6.84 8.73 -6.03
CA SER A 54 -6.64 8.86 -4.60
C SER A 54 -7.71 9.73 -3.98
N TYR A 55 -7.88 9.58 -2.67
CA TYR A 55 -8.54 10.59 -1.83
C TYR A 55 -7.52 11.04 -0.79
N GLY A 56 -7.14 12.31 -0.80
CA GLY A 56 -6.22 12.80 0.19
C GLY A 56 -5.80 14.22 -0.10
N PRO A 57 -6.56 15.19 0.42
CA PRO A 57 -6.30 16.60 0.05
C PRO A 57 -4.89 17.08 0.43
N ASN A 58 -4.29 16.51 1.47
CA ASN A 58 -2.97 16.91 1.88
C ASN A 58 -1.89 15.87 1.57
N LEU A 59 -2.25 14.75 0.95
CA LEU A 59 -1.29 13.69 0.65
C LEU A 59 -0.25 14.18 -0.30
N GLN A 60 1.02 13.92 -0.01
CA GLN A 60 2.14 14.32 -0.86
C GLN A 60 3.03 13.13 -1.22
N ILE A 61 3.64 13.26 -2.39
CA ILE A 61 4.75 12.42 -2.82
C ILE A 61 6.03 13.18 -2.54
N PHE A 62 7.05 12.52 -1.99
CA PHE A 62 8.30 13.19 -1.70
C PHE A 62 9.46 12.22 -1.85
N SER A 63 10.64 12.80 -2.06
CA SER A 63 11.86 12.00 -2.26
C SER A 63 12.39 11.47 -0.95
N LEU A 64 12.93 10.25 -0.97
CA LEU A 64 13.61 9.62 0.15
C LEU A 64 15.12 9.80 0.03
N PRO A 65 15.82 9.91 1.13
CA PRO A 65 17.29 10.07 1.06
C PRO A 65 18.00 8.95 0.38
N GLY A 66 17.51 7.72 0.58
CA GLY A 66 18.20 6.53 0.13
C GLY A 66 17.85 6.17 -1.28
N GLY A 67 17.01 6.96 -1.94
CA GLY A 67 16.55 6.69 -3.27
C GLY A 67 15.03 6.51 -3.33
N GLY A 68 14.45 6.85 -4.47
CA GLY A 68 13.03 6.69 -4.69
C GLY A 68 12.20 7.69 -3.89
N SER A 69 10.92 7.41 -3.81
CA SER A 69 9.93 8.32 -3.25
C SER A 69 8.96 7.53 -2.38
N ALA A 70 8.22 8.28 -1.57
CA ALA A 70 7.15 7.75 -0.73
C ALA A 70 5.93 8.67 -0.81
N ILE A 71 4.79 8.12 -0.38
CA ILE A 71 3.62 8.92 -0.05
C ILE A 71 3.57 9.14 1.46
N GLY A 72 3.06 10.33 1.81
CA GLY A 72 2.89 10.67 3.20
C GLY A 72 1.99 11.90 3.35
N TYR A 73 2.06 12.51 4.55
CA TYR A 73 1.08 13.54 4.95
C TYR A 73 -0.34 12.98 4.85
N ILE A 74 -0.45 11.73 5.28
CA ILE A 74 -1.69 10.96 5.27
C ILE A 74 -2.48 11.16 6.54
N GLU A 75 -3.81 11.11 6.41
CA GLU A 75 -4.75 11.24 7.49
C GLU A 75 -5.77 10.11 7.43
N ASN A 76 -6.51 9.92 8.53
CA ASN A 76 -7.60 8.94 8.58
C ASN A 76 -8.55 9.17 7.42
N GLY A 77 -8.85 8.08 6.71
CA GLY A 77 -9.79 8.11 5.61
C GLY A 77 -9.19 8.36 4.24
N TYR A 78 -7.91 8.69 4.17
CA TYR A 78 -7.24 8.81 2.88
C TYR A 78 -7.14 7.43 2.24
N SER A 79 -6.98 7.45 0.91
CA SER A 79 -6.76 6.20 0.18
C SER A 79 -5.99 6.49 -1.10
N THR A 80 -5.34 5.42 -1.59
CA THR A 80 -4.72 5.41 -2.91
C THR A 80 -5.16 4.14 -3.63
N THR A 81 -5.39 4.28 -4.93
CA THR A 81 -5.89 3.20 -5.78
C THR A 81 -4.87 2.88 -6.86
N TYR A 82 -4.64 1.57 -7.06
CA TYR A 82 -3.65 1.04 -8.00
C TYR A 82 -4.41 0.13 -8.95
N LYS A 83 -4.60 0.57 -10.18
CA LYS A 83 -5.40 -0.15 -11.15
C LYS A 83 -4.63 -1.27 -11.79
N ASN A 84 -5.37 -2.32 -12.13
CA ASN A 84 -4.87 -3.34 -13.05
C ASN A 84 -3.60 -4.01 -12.54
N ILE A 85 -3.64 -4.50 -11.32
CA ILE A 85 -2.56 -5.27 -10.74
C ILE A 85 -2.79 -6.74 -11.02
N ASP A 86 -1.81 -7.42 -11.61
CA ASP A 86 -1.98 -8.81 -12.05
C ASP A 86 -1.52 -9.76 -10.96
N PHE A 87 -2.49 -10.38 -10.29
CA PHE A 87 -2.26 -11.37 -9.26
C PHE A 87 -2.11 -12.77 -9.83
N GLY A 88 -2.25 -12.97 -11.14
CA GLY A 88 -2.09 -14.27 -11.74
C GLY A 88 -3.13 -15.15 -11.12
N ASP A 89 -2.62 -16.27 -10.70
CA ASP A 89 -3.53 -17.30 -10.15
C ASP A 89 -3.60 -17.23 -8.58
N GLY A 90 -3.06 -16.16 -7.97
CA GLY A 90 -3.39 -15.84 -6.60
C GLY A 90 -2.24 -15.45 -5.68
N ALA A 91 -2.51 -14.55 -4.77
CA ALA A 91 -1.62 -14.19 -3.66
C ALA A 91 -2.45 -14.16 -2.39
N THR A 92 -1.79 -14.48 -1.26
CA THR A 92 -2.40 -14.54 0.07
C THR A 92 -1.59 -13.78 1.15
N SER A 93 -0.63 -12.96 0.73
CA SER A 93 0.13 -12.14 1.67
C SER A 93 0.54 -10.85 1.01
N VAL A 94 0.66 -9.81 1.81
CA VAL A 94 1.17 -8.52 1.39
C VAL A 94 2.26 -8.07 2.35
N THR A 95 3.26 -7.38 1.81
CA THR A 95 4.31 -6.73 2.57
C THR A 95 4.38 -5.28 2.13
N ALA A 96 4.47 -4.35 3.07
CA ALA A 96 4.62 -2.94 2.78
C ALA A 96 5.82 -2.40 3.51
N ARG A 97 6.55 -1.50 2.84
CA ARG A 97 7.71 -0.80 3.39
C ARG A 97 7.22 0.58 3.84
N VAL A 98 7.20 0.80 5.14
CA VAL A 98 6.45 1.87 5.77
C VAL A 98 7.26 2.53 6.90
N ALA A 99 6.85 3.74 7.27
CA ALA A 99 7.43 4.46 8.37
C ALA A 99 6.30 5.17 9.14
N THR A 100 6.36 5.15 10.47
CA THR A 100 5.38 5.91 11.27
C THR A 100 5.89 6.03 12.70
N GLN A 101 5.30 6.94 13.46
CA GLN A 101 5.63 7.10 14.88
C GLN A 101 4.59 6.54 15.83
N ASN A 102 3.44 6.13 15.34
CA ASN A 102 2.35 5.68 16.19
C ASN A 102 1.59 4.58 15.48
N ALA A 103 1.16 3.58 16.22
CA ALA A 103 0.48 2.45 15.60
C ALA A 103 -0.69 2.87 14.75
N THR A 104 -0.80 2.24 13.58
CA THR A 104 -1.87 2.50 12.66
C THR A 104 -2.13 1.27 11.81
N THR A 105 -3.12 1.35 10.94
CA THR A 105 -3.46 0.26 10.05
C THR A 105 -3.65 0.76 8.63
N ILE A 106 -3.39 -0.16 7.70
CA ILE A 106 -3.60 0.07 6.27
C ILE A 106 -4.51 -1.07 5.82
N GLN A 107 -5.74 -0.77 5.44
CA GLN A 107 -6.63 -1.75 4.83
C GLN A 107 -6.30 -1.92 3.36
N VAL A 108 -6.33 -3.17 2.92
CA VAL A 108 -6.17 -3.51 1.50
C VAL A 108 -7.52 -3.95 1.00
N ARG A 109 -8.09 -3.21 0.08
CA ARG A 109 -9.45 -3.41 -0.39
C ARG A 109 -9.50 -3.61 -1.91
N LEU A 110 -10.55 -4.28 -2.35
CA LEU A 110 -10.77 -4.57 -3.78
C LEU A 110 -11.59 -3.48 -4.41
N GLY A 111 -11.06 -2.85 -5.44
CA GLY A 111 -11.82 -1.99 -6.33
C GLY A 111 -12.03 -0.55 -5.89
N SER A 112 -12.49 -0.34 -4.68
CA SER A 112 -12.79 0.99 -4.20
C SER A 112 -12.51 1.07 -2.71
N PRO A 113 -12.45 2.28 -2.16
CA PRO A 113 -12.20 2.41 -0.73
C PRO A 113 -13.25 1.77 0.17
N SER A 114 -14.45 1.53 -0.36
CA SER A 114 -15.49 0.81 0.38
C SER A 114 -15.71 -0.61 -0.12
N GLY A 115 -14.81 -1.12 -0.94
CA GLY A 115 -14.91 -2.46 -1.50
C GLY A 115 -14.50 -3.55 -0.52
N THR A 116 -14.52 -4.79 -1.01
CA THR A 116 -14.23 -5.92 -0.16
C THR A 116 -12.88 -5.75 0.56
N LEU A 117 -12.87 -6.03 1.86
CA LEU A 117 -11.66 -5.96 2.65
C LEU A 117 -10.88 -7.26 2.48
N LEU A 118 -9.70 -7.16 1.86
CA LEU A 118 -8.84 -8.31 1.60
C LEU A 118 -7.98 -8.64 2.82
N GLY A 119 -7.54 -7.61 3.53
CA GLY A 119 -6.73 -7.81 4.73
C GLY A 119 -6.35 -6.46 5.30
N THR A 120 -5.70 -6.47 6.46
CA THR A 120 -5.32 -5.28 7.19
C THR A 120 -3.89 -5.39 7.62
N ILE A 121 -3.08 -4.44 7.21
CA ILE A 121 -1.68 -4.36 7.65
C ILE A 121 -1.63 -3.54 8.95
N TYR A 122 -1.07 -4.15 9.98
CA TYR A 122 -0.83 -3.49 11.25
C TYR A 122 0.59 -2.89 11.20
N VAL A 123 0.63 -1.59 11.38
CA VAL A 123 1.86 -0.84 11.28
C VAL A 123 2.17 -0.26 12.65
N GLY A 124 3.01 -0.91 13.40
CA GLY A 124 3.50 -0.40 14.62
C GLY A 124 4.51 0.73 14.34
N SER A 125 4.94 1.44 15.39
CA SER A 125 5.94 2.46 15.22
C SER A 125 7.27 1.92 14.69
N THR A 126 7.83 2.66 13.75
CA THR A 126 9.19 2.47 13.27
C THR A 126 10.14 3.47 13.91
N GLY A 127 9.64 4.20 14.90
CA GLY A 127 10.46 5.15 15.66
C GLY A 127 10.55 6.53 15.05
N SER A 128 10.33 6.65 13.74
CA SER A 128 10.54 7.89 13.01
C SER A 128 9.83 7.78 11.69
N PHE A 129 9.29 8.87 11.22
CA PHE A 129 8.78 8.98 9.83
C PHE A 129 9.85 8.81 8.78
N ASP A 130 11.12 8.81 9.17
CA ASP A 130 12.22 8.59 8.23
C ASP A 130 12.83 7.21 8.32
N THR A 131 12.35 6.35 9.20
CA THR A 131 12.85 4.99 9.37
C THR A 131 11.84 4.03 8.80
N TYR A 132 12.20 3.38 7.69
CA TYR A 132 11.28 2.47 7.01
C TYR A 132 11.61 1.03 7.35
N ARG A 133 10.54 0.26 7.56
CA ARG A 133 10.63 -1.16 7.89
C ARG A 133 9.53 -1.88 7.13
N ASP A 134 9.71 -3.18 6.94
CA ASP A 134 8.78 -4.02 6.25
C ASP A 134 7.81 -4.69 7.22
N VAL A 135 6.51 -4.57 6.95
CA VAL A 135 5.48 -5.22 7.72
C VAL A 135 4.60 -6.02 6.79
N SER A 136 4.08 -7.13 7.26
CA SER A 136 3.31 -8.04 6.41
C SER A 136 1.96 -8.39 7.03
N ALA A 137 1.04 -8.85 6.19
CA ALA A 137 -0.26 -9.32 6.62
C ALA A 137 -0.79 -10.34 5.65
N THR A 138 -1.64 -11.22 6.14
CA THR A 138 -2.37 -12.13 5.28
C THR A 138 -3.50 -11.38 4.57
N ILE A 139 -3.78 -11.78 3.35
CA ILE A 139 -4.97 -11.33 2.65
C ILE A 139 -5.72 -12.56 2.17
N SER A 140 -7.03 -12.37 1.98
CA SER A 140 -7.83 -13.34 1.26
C SER A 140 -7.23 -13.57 -0.13
N ASN A 141 -7.32 -14.81 -0.62
CA ASN A 141 -6.75 -15.14 -1.92
C ASN A 141 -7.30 -14.20 -2.99
N THR A 142 -6.40 -13.51 -3.70
CA THR A 142 -6.76 -12.51 -4.72
C THR A 142 -6.03 -12.94 -5.99
N ALA A 143 -6.79 -13.06 -7.08
CA ALA A 143 -6.31 -13.57 -8.38
C ALA A 143 -6.91 -12.70 -9.50
N GLY A 144 -6.25 -12.87 -10.69
CA GLY A 144 -6.59 -12.11 -11.89
C GLY A 144 -6.08 -10.70 -11.83
N VAL A 145 -6.62 -9.85 -12.67
CA VAL A 145 -6.20 -8.49 -12.73
C VAL A 145 -7.20 -7.68 -11.98
N LYS A 146 -6.76 -7.02 -10.93
CA LYS A 146 -7.62 -6.39 -9.95
C LYS A 146 -7.16 -4.98 -9.65
N ASP A 147 -8.10 -4.11 -9.33
CA ASP A 147 -7.78 -2.80 -8.78
C ASP A 147 -7.66 -2.92 -7.25
N ILE A 148 -6.57 -2.42 -6.69
CA ILE A 148 -6.27 -2.54 -5.27
C ILE A 148 -6.26 -1.17 -4.64
N VAL A 149 -6.91 -1.02 -3.50
CA VAL A 149 -6.99 0.23 -2.78
C VAL A 149 -6.36 0.07 -1.41
N LEU A 150 -5.48 1.01 -1.05
CA LEU A 150 -4.98 1.14 0.30
C LEU A 150 -5.78 2.22 1.01
N VAL A 151 -6.35 1.89 2.16
CA VAL A 151 -7.15 2.83 2.95
C VAL A 151 -6.46 3.03 4.30
N PHE A 152 -6.15 4.29 4.59
CA PHE A 152 -5.32 4.63 5.73
C PHE A 152 -6.13 5.05 6.94
N SER A 153 -5.76 4.55 8.10
CA SER A 153 -6.46 4.96 9.32
C SER A 153 -5.75 6.09 10.05
N GLY A 154 -4.55 6.46 9.68
CA GLY A 154 -3.83 7.52 10.35
C GLY A 154 -2.47 7.71 9.68
N PRO A 155 -1.68 8.63 10.23
CA PRO A 155 -0.40 8.97 9.59
C PRO A 155 0.54 7.77 9.43
N VAL A 156 1.07 7.65 8.22
CA VAL A 156 2.05 6.62 7.84
C VAL A 156 2.66 7.08 6.54
N ASN A 157 3.92 6.75 6.31
CA ASN A 157 4.55 6.95 5.01
C ASN A 157 4.74 5.58 4.38
N VAL A 158 4.50 5.51 3.06
CA VAL A 158 4.59 4.22 2.36
C VAL A 158 5.52 4.39 1.16
N ASP A 159 6.54 3.54 1.09
CA ASP A 159 7.48 3.51 -0.04
C ASP A 159 6.95 2.59 -1.14
N TRP A 160 6.65 1.34 -0.82
CA TRP A 160 6.21 0.35 -1.79
C TRP A 160 5.47 -0.75 -1.06
N PHE A 161 4.79 -1.60 -1.83
CA PHE A 161 4.15 -2.79 -1.30
C PHE A 161 4.21 -3.90 -2.35
N VAL A 162 4.05 -5.15 -1.92
CA VAL A 162 4.22 -6.28 -2.82
C VAL A 162 3.45 -7.44 -2.27
N PHE A 163 3.00 -8.34 -3.12
CA PHE A 163 2.23 -9.50 -2.72
C PHE A 163 3.01 -10.78 -2.95
N SER A 164 2.58 -11.84 -2.26
CA SER A 164 3.19 -13.16 -2.41
C SER A 164 2.19 -14.25 -2.00
N LYS A 165 2.47 -15.48 -2.35
CA LYS A 165 1.76 -16.64 -1.78
C LYS A 165 2.35 -16.85 -0.38
N SER A 166 1.49 -16.93 0.65
CA SER A 166 2.00 -17.39 1.94
C SER A 166 2.43 -18.85 1.68
N GLY A 167 3.58 -19.22 1.83
C2 BGC B . 1.48 14.57 11.90
C3 BGC B . 2.89 14.79 11.44
C4 BGC B . 3.47 16.13 11.84
C5 BGC B . 3.21 16.50 13.30
C6 BGC B . 3.64 17.93 13.59
C1 BGC B . 1.39 15.00 13.37
O1 BGC B . 0.08 14.88 13.83
O2 BGC B . 1.48 13.18 11.69
O3 BGC B . 2.89 14.64 10.03
O4 BGC B . 4.87 16.03 11.64
O5 BGC B . 1.81 16.37 13.50
O6 BGC B . 3.64 18.70 12.41
C2 BGC B . 3.54 13.38 8.22
C3 BGC B . 4.63 12.54 7.61
C4 BGC B . 5.92 13.31 7.40
C5 BGC B . 6.30 13.98 8.70
C6 BGC B . 7.51 14.85 8.53
C1 BGC B . 4.03 13.94 9.51
O2 BGC B . 2.45 12.50 8.49
O3 BGC B . 4.14 12.05 6.39
O4 BGC B . 6.90 12.34 7.07
O5 BGC B . 5.16 14.73 9.20
O6 BGC B . 7.79 15.53 9.75
C2 BGC C . -1.23 10.06 -12.57
C3 BGC C . -0.51 8.79 -12.16
C4 BGC C . 0.45 9.03 -11.00
C5 BGC C . -0.21 9.82 -9.87
C6 BGC C . 0.75 10.20 -8.76
C1 BGC C . -1.78 10.80 -11.36
O1 BGC C . -2.21 12.06 -11.78
O2 BGC C . -2.27 9.79 -13.49
O3 BGC C . 0.27 8.32 -13.25
O4 BGC C . 0.95 7.83 -10.51
O5 BGC C . -0.78 11.00 -10.37
O6 BGC C . 1.80 10.96 -9.32
C2 BGC C . 0.18 7.24 -15.43
C3 BGC C . -0.39 6.04 -16.16
C4 BGC C . -0.01 4.77 -15.42
C5 BGC C . -0.44 4.89 -13.96
C6 BGC C . -0.05 3.67 -13.13
C1 BGC C . -0.28 7.22 -13.99
O2 BGC C . -0.18 8.44 -16.07
O3 BGC C . 0.12 6.08 -17.50
O4 BGC C . -0.69 3.67 -16.01
O5 BGC C . 0.13 6.03 -13.36
O6 BGC C . 1.32 3.28 -13.34
C ACY D . -8.61 -17.37 1.13
O ACY D . -9.39 -16.56 0.58
OXT ACY D . -7.41 -17.13 1.21
CH3 ACY D . -9.07 -18.68 1.65
CA CA E . 8.44 4.30 -3.53
#